data_3E8L
#
_entry.id   3E8L
#
_cell.length_a   76.634
_cell.length_b   110.863
_cell.length_c   152.991
_cell.angle_alpha   90.00
_cell.angle_beta   90.00
_cell.angle_gamma   90.00
#
_symmetry.space_group_name_H-M   'C 2 2 21'
#
loop_
_entity.id
_entity.type
_entity.pdbx_description
1 polymer 'Serine proteinase inhibitor A'
2 polymer 'Cationic trypsin'
3 non-polymer GLYCEROL
4 non-polymer 'ACETATE ION'
5 non-polymer 'SULFATE ION'
6 non-polymer 'SODIUM ION'
7 non-polymer 'CALCIUM ION'
8 non-polymer 1,2-ETHANEDIOL
9 non-polymer DI(HYDROXYETHYL)ETHER
10 water water
#
loop_
_entity_poly.entity_id
_entity_poly.type
_entity_poly.pdbx_seq_one_letter_code
_entity_poly.pdbx_strand_id
1 'polypeptide(L)'
;MGHHHHHHMPVVDSDGDAVQLNLGGNYPLYTIQSAAIGFRGGLSTLRKDACKSYVYEAPETDRGLPVGFSASATSQPVMQ
LGSRYKFSFSMPVPLICDTAWSIGKSETNGGISFQPITAGDYFYLNNFSWFEARSTEETGVYKLAACSCEFCKIACPEVG
SFNVNGRTLLGIGGEHFTVQFQKFD
;
C
2 'polypeptide(L)'
;IVGGYTCGANTVPYQVSLNSGYHFCGGSLINSQWVVSAAHCYKSGIQVRLGEDNINVVEGNEQFISASKSIVHPSYNSNT
LNNDIMLIKLKSAASLNSRVASISLPTSCASAGTQCLISGWGNTKSSGTSYPDVLKCLKAPILSDSSCKSAYPGQITSNM
FCAGYLEGGKDSCQGDSGGPVVCSGKLQGIVSWGSGCAQKNKPGVYTKVCNYVSWIKQTIASN
;
A,B
#
# COMPACT_ATOMS: atom_id res chain seq x y z
N PRO A 10 -8.99 18.36 9.62
CA PRO A 10 -9.07 17.53 8.43
C PRO A 10 -8.39 18.18 7.29
N VAL A 11 -7.99 17.37 6.35
CA VAL A 11 -7.45 17.87 5.09
C VAL A 11 -8.64 18.38 4.28
N VAL A 12 -8.57 19.62 3.85
CA VAL A 12 -9.68 20.15 3.08
C VAL A 12 -9.34 20.17 1.59
N ASP A 13 -10.38 20.10 0.76
CA ASP A 13 -10.20 20.22 -0.68
C ASP A 13 -10.16 21.71 -1.05
N SER A 14 -9.99 22.00 -2.34
CA SER A 14 -9.98 23.38 -2.85
C SER A 14 -11.26 24.18 -2.50
N ASP A 15 -12.36 23.51 -2.18
CA ASP A 15 -13.59 24.20 -1.78
C ASP A 15 -13.72 24.42 -0.27
N GLY A 16 -12.82 23.84 0.51
CA GLY A 16 -12.89 23.96 1.96
C GLY A 16 -13.62 22.81 2.63
N ASP A 17 -14.00 21.80 1.84
CA ASP A 17 -14.70 20.63 2.36
C ASP A 17 -13.70 19.52 2.69
N ALA A 18 -13.95 18.79 3.76
CA ALA A 18 -13.05 17.73 4.15
C ALA A 18 -12.89 16.71 3.02
N VAL A 19 -11.65 16.27 2.81
CA VAL A 19 -11.37 15.28 1.79
C VAL A 19 -11.87 13.93 2.28
N GLN A 20 -12.78 13.35 1.53
CA GLN A 20 -13.38 12.07 1.94
C GLN A 20 -12.56 10.86 1.51
N LEU A 21 -12.50 9.87 2.40
CA LEU A 21 -11.87 8.60 2.08
C LEU A 21 -12.78 7.63 1.34
N ASN A 22 -12.14 6.69 0.65
CA ASN A 22 -12.86 5.61 0.02
C ASN A 22 -13.15 4.47 1.00
N LEU A 23 -14.41 4.41 1.42
CA LEU A 23 -14.86 3.43 2.39
C LEU A 23 -15.90 2.51 1.77
N GLY A 24 -15.79 2.29 0.47
CA GLY A 24 -16.72 1.43 -0.22
C GLY A 24 -17.69 2.18 -1.09
N GLY A 25 -18.52 1.42 -1.80
CA GLY A 25 -19.46 2.00 -2.74
C GLY A 25 -18.74 2.82 -3.79
N ASN A 26 -19.44 3.79 -4.34
CA ASN A 26 -18.83 4.74 -5.25
C ASN A 26 -18.00 5.70 -4.44
N TYR A 27 -16.69 5.49 -4.48
CA TYR A 27 -15.77 6.26 -3.68
C TYR A 27 -15.57 7.67 -4.22
N PRO A 28 -15.29 8.63 -3.31
CA PRO A 28 -15.06 10.02 -3.66
C PRO A 28 -13.71 10.19 -4.34
N LEU A 29 -13.64 11.12 -5.29
CA LEU A 29 -12.45 11.26 -6.10
C LEU A 29 -11.99 12.68 -6.14
N TYR A 30 -10.68 12.85 -6.17
CA TYR A 30 -10.01 14.15 -6.20
C TYR A 30 -8.88 14.10 -7.21
N THR A 31 -8.68 15.18 -7.93
CA THR A 31 -7.42 15.39 -8.62
C THR A 31 -6.47 16.08 -7.65
N ILE A 32 -5.18 15.94 -7.89
CA ILE A 32 -4.19 16.60 -7.03
C ILE A 32 -3.51 17.68 -7.87
N GLN A 33 -3.79 18.94 -7.57
CA GLN A 33 -3.29 20.06 -8.37
C GLN A 33 -2.13 20.72 -7.67
N SER A 34 -1.10 21.09 -8.42
CA SER A 34 -0.03 21.93 -7.88
C SER A 34 -0.58 23.30 -7.52
N ALA A 35 -0.26 23.77 -6.32
CA ALA A 35 -0.79 25.04 -5.83
C ALA A 35 0.16 26.20 -6.06
N ALA A 36 1.08 26.01 -7.01
CA ALA A 36 2.04 27.06 -7.34
C ALA A 36 1.37 28.17 -8.14
N ILE A 37 1.62 29.33 -8.01
CA ILE A 37 1.02 30.60 -8.41
C ILE A 37 0.53 30.54 -9.85
N GLY A 38 1.21 30.40 -10.86
CA GLY A 38 0.94 30.75 -12.24
C GLY A 38 0.10 29.70 -12.95
N PHE A 39 0.33 28.45 -12.54
CA PHE A 39 -0.38 27.31 -13.11
C PHE A 39 0.06 26.03 -12.42
N ARG A 40 -0.82 25.03 -12.40
CA ARG A 40 -0.51 23.76 -11.76
C ARG A 40 -0.51 22.60 -12.75
N GLY A 41 -1.70 22.18 -13.16
CA GLY A 41 -1.84 21.07 -14.08
C GLY A 41 -2.03 20.04 -12.99
N GLY A 42 -2.83 19.04 -13.24
CA GLY A 42 -3.07 18.01 -12.25
C GLY A 42 -2.04 16.91 -12.33
N LEU A 43 -1.89 16.19 -11.24
CA LEU A 43 -1.05 15.02 -11.22
C LEU A 43 -1.62 13.92 -12.13
N SER A 44 -0.73 13.18 -12.76
CA SER A 44 -1.09 12.23 -13.80
C SER A 44 0.02 11.18 -13.96
N THR A 45 -0.09 10.32 -14.98
CA THR A 45 0.87 9.24 -15.20
C THR A 45 1.66 9.37 -16.50
N LEU A 46 2.95 9.00 -16.43
CA LEU A 46 3.80 8.74 -17.59
C LEU A 46 4.22 7.28 -17.57
N ARG A 47 3.88 6.53 -18.61
CA ARG A 47 4.30 5.14 -18.65
C ARG A 47 5.80 4.96 -18.35
N LYS A 48 6.09 4.04 -17.44
CA LYS A 48 7.43 3.57 -17.19
C LYS A 48 7.60 2.17 -17.77
N ASP A 49 6.87 1.20 -17.21
CA ASP A 49 7.04 -0.21 -17.54
C ASP A 49 5.92 -1.02 -16.91
N ALA A 50 5.56 -2.10 -17.62
CA ALA A 50 4.54 -3.03 -17.21
C ALA A 50 3.28 -2.30 -16.79
N CYS A 51 2.82 -2.58 -15.59
CA CYS A 51 1.67 -1.87 -15.06
C CYS A 51 2.17 -0.59 -14.34
N LYS A 52 3.43 -0.17 -14.55
CA LYS A 52 3.98 0.95 -13.78
C LYS A 52 4.18 2.28 -14.53
N SER A 53 3.90 3.38 -13.84
CA SER A 53 3.95 4.72 -14.41
C SER A 53 4.72 5.66 -13.49
N TYR A 54 5.21 6.78 -14.03
CA TYR A 54 5.73 7.85 -13.17
C TYR A 54 4.58 8.77 -12.83
N VAL A 55 4.47 9.14 -11.54
CA VAL A 55 3.64 10.26 -11.14
C VAL A 55 4.32 11.58 -11.55
N TYR A 56 3.66 12.32 -12.43
CA TYR A 56 4.17 13.60 -12.89
C TYR A 56 3.03 14.64 -12.99
N GLU A 57 3.42 15.90 -13.11
CA GLU A 57 2.44 16.96 -13.24
C GLU A 57 2.06 17.17 -14.70
N ALA A 58 0.80 16.95 -15.04
CA ALA A 58 0.34 17.13 -16.40
C ALA A 58 0.51 18.59 -16.79
N PRO A 59 0.69 18.86 -18.11
CA PRO A 59 0.69 20.24 -18.60
C PRO A 59 -0.57 21.00 -18.20
N GLU A 60 -0.47 22.33 -18.23
CA GLU A 60 -1.56 23.19 -17.79
C GLU A 60 -2.80 22.98 -18.65
N THR A 61 -3.96 22.97 -18.05
CA THR A 61 -5.17 22.71 -18.83
C THR A 61 -5.31 21.23 -19.15
N ASP A 62 -4.35 20.44 -18.72
CA ASP A 62 -4.48 19.01 -18.87
C ASP A 62 -5.19 18.57 -17.61
N ARG A 63 -6.19 17.72 -17.74
CA ARG A 63 -6.90 17.30 -16.57
C ARG A 63 -5.96 16.35 -15.86
N GLY A 64 -5.96 16.40 -14.54
CA GLY A 64 -5.20 15.44 -13.78
C GLY A 64 -6.04 14.18 -13.74
N LEU A 65 -5.46 13.11 -13.24
CA LEU A 65 -6.20 11.90 -13.00
C LEU A 65 -6.83 11.93 -11.65
N PRO A 66 -7.97 11.29 -11.54
CA PRO A 66 -8.69 11.17 -10.29
C PRO A 66 -7.96 10.23 -9.34
N VAL A 67 -7.91 10.57 -8.05
CA VAL A 67 -7.25 9.76 -7.05
C VAL A 67 -8.22 9.41 -5.92
N GLY A 68 -8.23 8.14 -5.52
CA GLY A 68 -8.98 7.70 -4.34
C GLY A 68 -8.02 7.52 -3.18
N PHE A 69 -8.50 7.83 -1.98
CA PHE A 69 -7.67 7.78 -0.78
C PHE A 69 -8.22 6.72 0.14
N SER A 70 -7.37 5.82 0.60
CA SER A 70 -7.88 4.76 1.44
C SER A 70 -6.98 4.43 2.61
N ALA A 71 -7.53 3.71 3.58
CA ALA A 71 -6.88 3.48 4.86
C ALA A 71 -7.34 2.15 5.42
N SER A 72 -6.72 1.67 6.48
CA SER A 72 -7.15 0.41 7.08
C SER A 72 -8.54 0.51 7.69
N ALA A 73 -9.23 -0.61 7.79
CA ALA A 73 -10.52 -0.65 8.44
C ALA A 73 -10.52 0.13 9.77
N THR A 74 -11.71 0.54 10.19
CA THR A 74 -11.92 1.29 11.43
C THR A 74 -11.65 2.77 11.33
N SER A 75 -11.03 3.18 10.23
CA SER A 75 -10.73 4.60 10.02
C SER A 75 -12.00 5.43 9.89
N GLN A 76 -11.97 6.64 10.41
CA GLN A 76 -13.08 7.58 10.22
C GLN A 76 -13.03 8.02 8.75
N PRO A 77 -14.17 8.48 8.19
CA PRO A 77 -14.31 8.66 6.73
C PRO A 77 -13.59 9.87 6.09
N VAL A 78 -12.77 10.58 6.84
CA VAL A 78 -12.20 11.82 6.35
C VAL A 78 -10.68 11.78 6.46
N MET A 79 -9.98 12.35 5.49
CA MET A 79 -8.52 12.36 5.53
C MET A 79 -8.04 13.30 6.63
N GLN A 80 -7.20 12.80 7.53
CA GLN A 80 -6.69 13.62 8.64
C GLN A 80 -5.23 14.01 8.47
N LEU A 81 -4.90 15.26 8.78
CA LEU A 81 -3.55 15.79 8.71
C LEU A 81 -2.56 14.92 9.47
N GLY A 82 -1.45 14.61 8.81
CA GLY A 82 -0.42 13.79 9.43
C GLY A 82 -0.64 12.30 9.30
N SER A 83 -1.85 11.91 8.90
CA SER A 83 -2.17 10.49 8.82
C SER A 83 -1.70 9.93 7.49
N ARG A 84 -1.77 8.63 7.37
CA ARG A 84 -1.23 7.94 6.20
C ARG A 84 -2.28 7.20 5.40
N TYR A 85 -2.20 7.38 4.09
CA TYR A 85 -3.18 6.82 3.18
C TYR A 85 -2.57 6.26 1.93
N LYS A 86 -3.24 5.23 1.39
CA LYS A 86 -2.95 4.69 0.07
C LYS A 86 -3.59 5.64 -0.96
N PHE A 87 -2.79 6.07 -1.94
CA PHE A 87 -3.26 6.91 -3.05
C PHE A 87 -3.45 6.03 -4.28
N SER A 88 -4.59 6.12 -4.95
CA SER A 88 -4.87 5.28 -6.10
C SER A 88 -5.57 6.07 -7.19
N PHE A 89 -4.98 6.08 -8.38
CA PHE A 89 -5.59 6.72 -9.50
C PHE A 89 -6.83 5.96 -9.96
N SER A 90 -7.85 6.71 -10.36
CA SER A 90 -9.04 6.12 -10.94
C SER A 90 -8.87 6.26 -12.43
N MET A 91 -8.42 5.18 -13.05
CA MET A 91 -8.03 5.20 -14.46
C MET A 91 -8.24 3.83 -15.05
N PRO A 92 -8.57 3.76 -16.36
CA PRO A 92 -8.83 2.45 -16.94
C PRO A 92 -7.54 1.65 -16.90
N VAL A 93 -7.64 0.35 -16.60
CA VAL A 93 -6.44 -0.47 -16.41
C VAL A 93 -6.74 -1.94 -16.69
N PRO A 94 -5.77 -2.70 -17.25
CA PRO A 94 -5.98 -4.14 -17.34
C PRO A 94 -5.99 -4.74 -15.92
N LEU A 95 -6.84 -5.74 -15.66
CA LEU A 95 -7.12 -6.12 -14.25
C LEU A 95 -5.95 -6.75 -13.49
N ILE A 96 -4.90 -7.17 -14.20
CA ILE A 96 -3.68 -7.58 -13.54
C ILE A 96 -2.94 -6.39 -12.85
N CYS A 97 -3.30 -5.17 -13.19
CA CYS A 97 -2.62 -4.02 -12.62
C CYS A 97 -3.46 -3.22 -11.62
N ASP A 98 -2.85 -2.78 -10.52
CA ASP A 98 -3.45 -1.79 -9.66
C ASP A 98 -2.90 -0.42 -10.05
N THR A 99 -3.27 0.60 -9.28
CA THR A 99 -2.96 1.98 -9.60
C THR A 99 -2.49 2.72 -8.33
N ALA A 100 -2.11 1.97 -7.29
CA ALA A 100 -1.67 2.59 -6.03
C ALA A 100 -0.30 3.25 -6.22
N TRP A 101 -0.07 4.35 -5.52
CA TRP A 101 1.19 5.06 -5.59
C TRP A 101 2.23 4.33 -4.77
N SER A 102 3.50 4.45 -5.14
CA SER A 102 4.56 4.11 -4.19
C SER A 102 5.92 4.75 -4.41
N ILE A 103 6.76 4.66 -3.38
CA ILE A 103 8.12 5.13 -3.44
C ILE A 103 8.91 4.17 -4.31
N GLY A 104 9.48 4.70 -5.36
CA GLY A 104 10.22 3.87 -6.28
C GLY A 104 11.69 3.82 -5.95
N LYS A 105 12.31 2.73 -6.40
N LYS A 105 12.33 2.73 -6.37
CA LYS A 105 13.74 2.53 -6.42
CA LYS A 105 13.77 2.57 -6.17
C LYS A 105 14.39 3.77 -7.05
C LYS A 105 14.45 3.63 -7.04
N SER A 106 15.49 4.26 -6.50
CA SER A 106 16.14 5.38 -7.15
C SER A 106 16.74 5.00 -8.51
N GLU A 107 16.73 5.97 -9.43
CA GLU A 107 17.13 5.74 -10.79
C GLU A 107 17.73 7.05 -11.33
N THR A 108 18.40 6.98 -12.46
CA THR A 108 18.87 8.15 -13.15
C THR A 108 18.13 8.28 -14.45
N ASN A 109 17.64 9.48 -14.72
CA ASN A 109 16.74 9.73 -15.84
C ASN A 109 16.76 11.22 -16.17
N GLY A 110 17.24 11.56 -17.36
CA GLY A 110 17.35 12.95 -17.76
C GLY A 110 18.53 13.60 -17.07
N GLY A 111 19.52 12.80 -16.68
CA GLY A 111 20.65 13.30 -15.92
C GLY A 111 20.24 13.58 -14.49
N ILE A 112 19.09 13.08 -14.07
CA ILE A 112 18.60 13.25 -12.70
C ILE A 112 18.60 11.92 -11.95
N SER A 113 19.22 11.90 -10.77
CA SER A 113 19.14 10.76 -9.87
C SER A 113 18.13 11.05 -8.78
N PHE A 114 17.11 10.20 -8.69
CA PHE A 114 16.10 10.33 -7.66
C PHE A 114 15.33 9.03 -7.43
N GLN A 115 14.61 8.99 -6.32
CA GLN A 115 13.58 8.00 -6.09
C GLN A 115 12.24 8.56 -6.54
N PRO A 116 11.72 8.09 -7.70
CA PRO A 116 10.45 8.66 -8.12
C PRO A 116 9.28 8.12 -7.30
N ILE A 117 8.17 8.84 -7.29
N ILE A 117 8.17 8.84 -7.30
CA ILE A 117 6.91 8.26 -6.85
CA ILE A 117 6.91 8.26 -6.85
C ILE A 117 6.36 7.61 -8.11
C ILE A 117 6.33 7.61 -8.10
N THR A 118 5.98 6.33 -7.99
CA THR A 118 5.41 5.61 -9.13
C THR A 118 3.95 5.32 -8.82
N ALA A 119 3.22 4.80 -9.80
CA ALA A 119 1.85 4.40 -9.56
C ALA A 119 1.59 3.16 -10.36
N GLY A 120 1.04 2.15 -9.69
CA GLY A 120 0.62 0.94 -10.37
C GLY A 120 1.68 -0.14 -10.29
N ASP A 121 1.22 -1.38 -10.18
CA ASP A 121 2.10 -2.55 -10.22
C ASP A 121 1.19 -3.76 -10.36
N TYR A 122 1.77 -4.92 -10.66
CA TYR A 122 1.00 -6.14 -10.68
C TYR A 122 0.24 -6.26 -9.36
N PHE A 123 -1.08 -6.44 -9.42
CA PHE A 123 -1.90 -6.39 -8.20
C PHE A 123 -1.38 -7.31 -7.10
N TYR A 124 -0.83 -8.47 -7.50
CA TYR A 124 -0.49 -9.54 -6.57
C TYR A 124 0.76 -9.27 -5.73
N LEU A 125 1.54 -8.26 -6.11
CA LEU A 125 2.74 -7.90 -5.36
C LEU A 125 2.29 -7.06 -4.19
N ASN A 126 1.06 -6.58 -4.31
CA ASN A 126 0.45 -5.77 -3.28
C ASN A 126 1.32 -4.58 -2.85
N ASN A 127 2.00 -3.96 -3.80
CA ASN A 127 2.91 -2.84 -3.51
C ASN A 127 2.18 -1.52 -3.43
N PHE A 128 2.47 -0.76 -2.37
CA PHE A 128 2.03 0.61 -2.32
C PHE A 128 2.73 1.26 -1.16
N SER A 129 2.84 2.57 -1.22
CA SER A 129 3.36 3.31 -0.10
C SER A 129 2.23 4.09 0.56
N TRP A 130 2.56 4.75 1.64
CA TRP A 130 1.59 5.41 2.47
C TRP A 130 1.91 6.88 2.42
N PHE A 131 0.95 7.68 1.95
CA PHE A 131 1.20 9.11 1.80
C PHE A 131 0.44 9.95 2.80
N GLU A 132 1.07 11.05 3.17
CA GLU A 132 0.69 11.87 4.30
C GLU A 132 0.51 13.27 3.73
N ALA A 133 -0.60 13.92 4.06
CA ALA A 133 -0.74 15.34 3.76
C ALA A 133 -0.26 16.09 4.98
N ARG A 134 0.67 17.01 4.76
CA ARG A 134 1.19 17.82 5.84
C ARG A 134 0.76 19.26 5.60
N SER A 135 0.55 20.00 6.69
CA SER A 135 0.07 21.37 6.59
C SER A 135 1.12 22.35 6.07
N THR A 136 0.62 23.47 5.55
CA THR A 136 1.42 24.58 5.01
C THR A 136 0.92 25.82 5.68
N GLU A 137 1.63 26.94 5.50
CA GLU A 137 1.23 28.24 6.02
C GLU A 137 -0.16 28.65 5.57
N GLU A 138 -0.60 28.12 4.43
CA GLU A 138 -1.92 28.46 3.93
C GLU A 138 -2.88 27.27 3.89
N THR A 139 -4.10 27.51 4.36
CA THR A 139 -5.05 26.43 4.52
C THR A 139 -5.51 25.91 3.14
N GLY A 140 -5.74 24.60 3.07
CA GLY A 140 -6.05 23.91 1.81
C GLY A 140 -4.89 23.70 0.84
N VAL A 141 -3.66 23.94 1.32
CA VAL A 141 -2.45 23.78 0.51
C VAL A 141 -1.49 22.90 1.31
N TYR A 142 -1.00 21.82 0.71
CA TYR A 142 -0.28 20.82 1.47
C TYR A 142 1.01 20.36 0.84
N LYS A 143 1.88 19.81 1.69
CA LYS A 143 3.06 19.10 1.25
C LYS A 143 2.75 17.62 1.40
N LEU A 144 3.14 16.81 0.42
CA LEU A 144 3.01 15.36 0.56
C LEU A 144 4.27 14.76 1.19
N ALA A 145 4.09 13.68 1.94
CA ALA A 145 5.20 12.90 2.48
C ALA A 145 4.96 11.42 2.22
N ALA A 146 6.03 10.66 2.06
CA ALA A 146 5.94 9.28 1.62
C ALA A 146 6.44 8.37 2.73
N CYS A 147 5.61 7.42 3.17
CA CYS A 147 5.95 6.53 4.29
C CYS A 147 5.88 5.07 3.91
N SER A 148 6.62 4.24 4.63
CA SER A 148 6.62 2.82 4.34
C SER A 148 5.76 2.04 5.35
N CYS A 149 4.88 2.77 6.03
CA CYS A 149 4.12 2.22 7.13
C CYS A 149 2.90 3.09 7.31
N GLU A 150 1.79 2.47 7.74
CA GLU A 150 0.56 3.22 7.98
C GLU A 150 0.57 3.97 9.32
N PHE A 151 0.87 3.26 10.42
CA PHE A 151 0.63 3.77 11.77
C PHE A 151 1.88 4.03 12.60
N CYS A 152 3.05 3.74 12.07
CA CYS A 152 4.27 3.81 12.84
C CYS A 152 4.76 5.26 12.93
N LYS A 153 5.44 5.60 14.01
CA LYS A 153 5.67 7.01 14.30
C LYS A 153 7.01 7.53 13.76
N ILE A 154 7.49 6.90 12.69
CA ILE A 154 8.59 7.44 11.90
C ILE A 154 8.19 8.77 11.27
N ALA A 155 9.17 9.67 11.06
CA ALA A 155 8.95 10.92 10.32
C ALA A 155 9.33 10.65 8.88
N CYS A 156 8.35 10.74 8.00
CA CYS A 156 8.54 10.39 6.60
C CYS A 156 9.24 11.49 5.80
N PRO A 157 9.99 11.09 4.75
CA PRO A 157 10.60 12.09 3.85
C PRO A 157 9.52 12.79 3.06
N GLU A 158 9.69 14.09 2.89
CA GLU A 158 8.85 14.88 2.02
C GLU A 158 8.96 14.46 0.54
N VAL A 159 7.87 14.69 -0.22
CA VAL A 159 7.84 14.54 -1.66
C VAL A 159 8.03 15.90 -2.32
N GLY A 160 8.93 15.96 -3.31
CA GLY A 160 9.15 17.17 -4.10
C GLY A 160 9.20 16.90 -5.60
N SER A 161 9.51 17.93 -6.37
CA SER A 161 9.47 17.82 -7.83
C SER A 161 10.87 17.80 -8.48
N PHE A 162 10.98 17.07 -9.59
CA PHE A 162 12.19 17.01 -10.39
C PHE A 162 11.93 17.32 -11.88
N ASN A 163 12.67 18.26 -12.45
CA ASN A 163 12.56 18.55 -13.89
C ASN A 163 13.36 17.50 -14.66
N VAL A 164 12.64 16.56 -15.26
CA VAL A 164 13.24 15.44 -15.97
C VAL A 164 12.84 15.52 -17.45
N ASN A 165 13.79 15.83 -18.32
CA ASN A 165 13.53 16.04 -19.75
C ASN A 165 12.28 16.91 -19.96
N GLY A 166 12.27 18.09 -19.35
CA GLY A 166 11.16 19.02 -19.54
C GLY A 166 9.88 18.73 -18.76
N ARG A 167 9.72 17.49 -18.30
CA ARG A 167 8.52 17.13 -17.54
C ARG A 167 8.76 17.18 -16.02
N THR A 168 7.76 17.66 -15.29
CA THR A 168 7.87 17.75 -13.86
C THR A 168 7.39 16.44 -13.20
N LEU A 169 8.33 15.71 -12.61
CA LEU A 169 8.03 14.43 -11.96
C LEU A 169 8.18 14.52 -10.45
N LEU A 170 7.44 13.69 -9.74
CA LEU A 170 7.50 13.70 -8.29
C LEU A 170 8.47 12.64 -7.83
N GLY A 171 9.20 12.94 -6.75
CA GLY A 171 10.07 11.95 -6.12
C GLY A 171 10.36 12.35 -4.68
N ILE A 172 11.15 11.54 -3.98
CA ILE A 172 11.58 11.83 -2.63
C ILE A 172 12.59 12.95 -2.73
N GLY A 173 12.38 14.00 -1.93
CA GLY A 173 13.25 15.16 -1.92
C GLY A 173 12.91 16.10 -3.05
N GLY A 174 13.92 16.62 -3.71
CA GLY A 174 13.73 17.50 -4.85
C GLY A 174 13.35 18.91 -4.48
N GLU A 175 12.54 19.51 -5.33
CA GLU A 175 12.20 20.92 -5.19
C GLU A 175 10.88 20.99 -4.45
N HIS A 176 10.71 22.08 -3.72
CA HIS A 176 9.51 22.38 -2.96
C HIS A 176 8.29 22.24 -3.87
N PHE A 177 7.30 21.46 -3.44
CA PHE A 177 6.12 21.15 -4.22
C PHE A 177 4.92 21.11 -3.27
N THR A 178 3.89 21.89 -3.53
CA THR A 178 2.73 21.95 -2.70
C THR A 178 1.48 21.71 -3.52
N VAL A 179 0.43 21.14 -2.93
CA VAL A 179 -0.74 20.76 -3.68
C VAL A 179 -2.05 21.19 -3.06
N GLN A 180 -3.09 21.13 -3.87
CA GLN A 180 -4.46 21.20 -3.40
C GLN A 180 -5.18 19.95 -3.89
N PHE A 181 -6.20 19.54 -3.14
CA PHE A 181 -7.10 18.48 -3.56
C PHE A 181 -8.35 19.13 -4.11
N GLN A 182 -8.79 18.65 -5.27
CA GLN A 182 -9.88 19.26 -6.04
C GLN A 182 -10.88 18.15 -6.32
N LYS A 183 -12.16 18.37 -6.06
CA LYS A 183 -13.09 17.26 -6.30
C LYS A 183 -13.24 16.92 -7.78
N PHE A 184 -13.61 15.68 -8.07
CA PHE A 184 -13.71 15.23 -9.44
C PHE A 184 -15.13 14.82 -9.81
N ASP A 185 -15.57 15.35 -10.93
CA ASP A 185 -16.73 14.86 -11.66
C ASP A 185 -17.60 16.03 -12.06
N ILE B 1 6.25 14.85 19.91
CA ILE B 1 5.47 14.81 21.17
C ILE B 1 4.36 15.85 21.13
N VAL B 2 3.11 15.41 21.32
CA VAL B 2 1.98 16.32 21.27
C VAL B 2 1.54 16.57 22.72
N GLY B 3 1.35 17.84 23.08
CA GLY B 3 0.87 18.20 24.43
C GLY B 3 1.90 18.00 25.53
N GLY B 4 3.17 17.88 25.13
CA GLY B 4 4.26 17.82 26.06
C GLY B 4 4.78 19.20 26.38
N TYR B 5 5.97 19.23 26.97
CA TYR B 5 6.67 20.44 27.35
C TYR B 5 8.13 20.33 26.88
N THR B 6 8.82 21.48 26.83
CA THR B 6 10.21 21.59 26.46
C THR B 6 11.04 20.96 27.58
N CYS B 7 11.78 19.89 27.26
CA CYS B 7 12.53 19.16 28.29
C CYS B 7 13.54 20.04 29.01
N GLY B 8 14.29 20.84 28.25
CA GLY B 8 15.49 21.47 28.80
C GLY B 8 16.72 20.78 28.24
N ALA B 9 17.66 21.58 27.77
CA ALA B 9 18.86 21.08 27.13
C ALA B 9 19.53 20.04 28.01
N ASN B 10 19.66 18.83 27.46
CA ASN B 10 20.45 17.74 28.04
C ASN B 10 19.89 17.18 29.36
N THR B 11 18.63 17.54 29.66
CA THR B 11 17.92 16.96 30.81
C THR B 11 17.47 15.52 30.56
N VAL B 12 17.49 15.06 29.32
CA VAL B 12 17.21 13.66 28.95
C VAL B 12 18.45 13.05 28.26
N PRO B 13 19.51 12.75 29.05
CA PRO B 13 20.85 12.55 28.46
C PRO B 13 21.02 11.25 27.66
N TYR B 14 20.03 10.36 27.74
CA TYR B 14 20.05 9.09 27.01
C TYR B 14 19.37 9.20 25.63
N GLN B 15 18.60 10.27 25.43
CA GLN B 15 17.94 10.56 24.15
C GLN B 15 18.97 10.75 23.04
N VAL B 16 18.84 9.91 22.01
CA VAL B 16 19.58 10.09 20.77
C VAL B 16 18.60 10.23 19.60
N SER B 17 19.10 10.60 18.45
CA SER B 17 18.28 10.69 17.27
C SER B 17 18.96 9.93 16.15
N LEU B 18 18.16 9.47 15.19
CA LEU B 18 18.64 8.73 14.04
C LEU B 18 18.52 9.60 12.81
N ASN B 19 19.61 9.70 12.06
CA ASN B 19 19.73 10.67 10.99
C ASN B 19 20.16 10.08 9.64
N SER B 20 19.43 10.42 8.59
CA SER B 20 19.89 10.24 7.23
C SER B 20 19.20 11.29 6.38
N GLY B 21 19.84 12.44 6.23
CA GLY B 21 19.22 13.54 5.53
C GLY B 21 18.37 14.42 6.42
N TYR B 22 17.80 13.87 7.48
CA TYR B 22 17.01 14.62 8.45
C TYR B 22 16.80 13.72 9.66
N HIS B 23 16.21 14.25 10.71
CA HIS B 23 15.83 13.47 11.87
C HIS B 23 14.59 12.66 11.51
N PHE B 24 14.64 11.33 11.64
CA PHE B 24 13.49 10.49 11.28
C PHE B 24 13.03 9.56 12.40
N CYS B 25 13.90 9.31 13.38
CA CYS B 25 13.53 8.52 14.55
C CYS B 25 14.35 8.95 15.75
N GLY B 26 13.88 8.60 16.95
CA GLY B 26 14.69 8.68 18.17
C GLY B 26 15.35 7.36 18.50
N GLY B 27 15.96 7.29 19.68
CA GLY B 27 16.61 6.10 20.13
C GLY B 27 17.02 6.37 21.55
N SER B 28 17.46 5.33 22.25
CA SER B 28 17.93 5.42 23.63
C SER B 28 19.31 4.78 23.75
N LEU B 29 20.23 5.51 24.36
CA LEU B 29 21.56 5.01 24.60
C LEU B 29 21.49 4.11 25.85
N ILE B 30 21.85 2.84 25.68
N ILE B 30 21.81 2.82 25.69
CA ILE B 30 21.78 1.87 26.78
CA ILE B 30 21.79 1.90 26.84
C ILE B 30 23.18 1.50 27.30
C ILE B 30 23.20 1.49 27.31
N ASN B 31 24.21 1.82 26.51
CA ASN B 31 25.61 1.82 26.95
C ASN B 31 26.42 2.64 25.95
N SER B 32 27.70 2.84 26.21
CA SER B 32 28.52 3.72 25.39
C SER B 32 28.53 3.38 23.89
N GLN B 33 28.11 2.16 23.53
CA GLN B 33 28.19 1.72 22.11
C GLN B 33 26.90 1.20 21.48
N TRP B 34 25.86 1.08 22.29
CA TRP B 34 24.61 0.54 21.79
C TRP B 34 23.41 1.42 22.01
N VAL B 35 22.66 1.63 20.94
CA VAL B 35 21.41 2.34 20.94
C VAL B 35 20.30 1.35 20.75
N VAL B 36 19.19 1.56 21.46
CA VAL B 36 17.97 0.79 21.30
C VAL B 36 16.99 1.75 20.66
N SER B 37 16.40 1.28 19.57
CA SER B 37 15.40 2.03 18.84
C SER B 37 14.36 1.06 18.25
N ALA B 38 13.57 1.54 17.28
CA ALA B 38 12.47 0.72 16.79
C ALA B 38 12.91 0.08 15.48
N ALA B 39 12.52 -1.17 15.29
CA ALA B 39 12.91 -1.92 14.11
C ALA B 39 12.37 -1.27 12.83
N HIS B 40 11.18 -0.69 12.87
CA HIS B 40 10.69 0.01 11.67
C HIS B 40 11.49 1.28 11.34
N CYS B 41 12.39 1.68 12.24
CA CYS B 41 13.34 2.77 11.94
C CYS B 41 14.59 2.28 11.19
N TYR B 42 14.68 0.97 10.87
CA TYR B 42 15.87 0.46 10.21
C TYR B 42 16.16 1.18 8.91
N LYS B 43 17.38 1.67 8.78
CA LYS B 43 17.85 2.27 7.54
C LYS B 43 19.30 1.90 7.36
N SER B 44 19.68 1.71 6.10
CA SER B 44 21.10 1.60 5.75
C SER B 44 21.75 2.98 5.86
N GLY B 45 22.99 3.02 6.33
CA GLY B 45 23.74 4.27 6.36
C GLY B 45 23.32 5.31 7.38
N ILE B 46 22.96 4.88 8.58
CA ILE B 46 22.45 5.77 9.64
C ILE B 46 23.57 6.42 10.47
N GLN B 47 23.29 7.65 10.90
CA GLN B 47 24.16 8.40 11.78
C GLN B 47 23.34 8.64 13.03
N VAL B 48 23.95 8.39 14.18
CA VAL B 48 23.29 8.62 15.43
C VAL B 48 23.84 9.92 15.96
N ARG B 49 22.97 10.75 16.49
CA ARG B 49 23.43 11.98 17.12
C ARG B 49 23.04 11.97 18.60
N LEU B 50 24.02 12.25 19.45
CA LEU B 50 23.86 12.23 20.88
C LEU B 50 24.15 13.63 21.44
N GLY B 51 23.58 13.94 22.61
CA GLY B 51 23.87 15.19 23.27
C GLY B 51 23.23 16.40 22.62
N GLU B 52 22.13 16.20 21.91
CA GLU B 52 21.41 17.30 21.34
C GLU B 52 20.31 17.89 22.22
N ASP B 53 20.08 19.17 22.02
CA ASP B 53 18.80 19.78 22.36
C ASP B 53 18.21 20.38 21.08
N ASN B 54 18.78 21.48 20.64
CA ASN B 54 18.32 22.12 19.44
C ASN B 54 18.93 21.41 18.26
N ILE B 55 18.17 20.54 17.61
CA ILE B 55 18.70 19.75 16.51
C ILE B 55 19.21 20.56 15.32
N ASN B 56 18.83 21.84 15.24
CA ASN B 56 19.10 22.65 14.05
C ASN B 56 20.28 23.60 14.22
N VAL B 57 20.89 23.55 15.41
CA VAL B 57 22.05 24.35 15.75
C VAL B 57 23.12 23.47 16.35
N VAL B 58 24.38 23.75 16.07
CA VAL B 58 25.45 23.04 16.75
C VAL B 58 25.66 23.76 18.08
N GLU B 59 25.30 23.10 19.18
CA GLU B 59 25.32 23.77 20.48
C GLU B 59 26.61 23.53 21.25
N GLY B 60 27.30 22.42 20.98
CA GLY B 60 28.62 22.21 21.56
C GLY B 60 28.82 20.90 22.28
N ASN B 61 27.72 20.22 22.60
CA ASN B 61 27.80 18.96 23.34
C ASN B 61 27.47 17.71 22.51
N GLU B 62 27.14 17.92 21.25
CA GLU B 62 26.80 16.85 20.34
C GLU B 62 27.95 15.91 20.02
N GLN B 63 27.59 14.68 19.67
CA GLN B 63 28.52 13.71 19.11
C GLN B 63 27.72 13.08 18.00
N PHE B 64 28.24 13.08 16.78
CA PHE B 64 27.59 12.38 15.67
C PHE B 64 28.40 11.15 15.32
N ILE B 65 27.88 9.97 15.64
CA ILE B 65 28.64 8.75 15.43
C ILE B 65 27.88 7.88 14.43
N SER B 66 28.56 7.34 13.43
CA SER B 66 27.92 6.43 12.52
C SER B 66 27.49 5.13 13.19
N ALA B 67 26.39 4.56 12.72
CA ALA B 67 25.96 3.25 13.09
C ALA B 67 26.79 2.24 12.31
N SER B 68 27.46 1.34 13.00
CA SER B 68 28.22 0.30 12.33
C SER B 68 27.36 -0.95 12.13
N LYS B 69 26.50 -1.25 13.11
CA LYS B 69 25.61 -2.40 13.02
C LYS B 69 24.18 -2.01 13.36
N SER B 70 23.24 -2.54 12.59
CA SER B 70 21.82 -2.34 12.86
C SER B 70 21.11 -3.68 12.91
N ILE B 71 20.88 -4.18 14.13
CA ILE B 71 20.34 -5.52 14.30
C ILE B 71 18.86 -5.50 14.67
N VAL B 72 18.02 -5.72 13.66
CA VAL B 72 16.59 -5.84 13.84
C VAL B 72 16.27 -7.16 14.55
N HIS B 73 15.33 -7.13 15.49
CA HIS B 73 14.84 -8.35 16.13
C HIS B 73 14.50 -9.38 15.05
N PRO B 74 14.91 -10.65 15.27
CA PRO B 74 14.70 -11.67 14.23
C PRO B 74 13.23 -12.06 14.03
N SER B 75 12.36 -11.72 14.97
CA SER B 75 10.94 -12.06 14.85
C SER B 75 10.12 -10.82 14.53
N TYR B 76 10.79 -9.74 14.17
CA TYR B 76 10.12 -8.53 13.75
C TYR B 76 9.17 -8.77 12.56
N ASN B 77 7.95 -8.24 12.67
CA ASN B 77 6.94 -8.32 11.61
C ASN B 77 6.50 -6.90 11.26
N SER B 78 6.70 -6.49 10.00
CA SER B 78 6.50 -5.07 9.62
C SER B 78 5.05 -4.72 9.33
N ASN B 79 4.18 -5.71 9.17
CA ASN B 79 2.74 -5.47 9.04
C ASN B 79 2.08 -5.19 10.39
N THR B 80 2.39 -6.04 11.36
CA THR B 80 1.75 -5.99 12.66
C THR B 80 2.54 -5.14 13.62
N LEU B 81 3.80 -4.87 13.27
CA LEU B 81 4.80 -4.24 14.16
C LEU B 81 5.09 -5.04 15.44
N ASN B 82 4.73 -6.31 15.45
CA ASN B 82 5.20 -7.22 16.50
C ASN B 82 6.72 -7.27 16.59
N ASN B 83 7.26 -7.17 17.80
CA ASN B 83 8.69 -7.17 18.03
C ASN B 83 9.41 -5.99 17.42
N ASP B 84 8.81 -4.81 17.52
CA ASP B 84 9.35 -3.61 16.92
C ASP B 84 10.50 -3.05 17.77
N ILE B 85 11.59 -3.78 17.83
CA ILE B 85 12.80 -3.32 18.51
C ILE B 85 14.02 -3.56 17.61
N MET B 86 14.97 -2.63 17.67
CA MET B 86 16.24 -2.67 16.93
C MET B 86 17.38 -2.29 17.86
N LEU B 87 18.53 -2.94 17.68
CA LEU B 87 19.77 -2.54 18.35
C LEU B 87 20.75 -1.89 17.38
N ILE B 88 21.29 -0.73 17.72
CA ILE B 88 22.25 -0.12 16.85
C ILE B 88 23.57 -0.11 17.58
N LYS B 89 24.62 -0.63 16.94
CA LYS B 89 25.97 -0.50 17.47
C LYS B 89 26.60 0.78 16.93
N LEU B 90 27.28 1.56 17.79
CA LEU B 90 27.96 2.75 17.29
C LEU B 90 29.37 2.38 16.76
N LYS B 91 29.81 3.06 15.71
CA LYS B 91 31.11 2.77 15.11
C LYS B 91 32.24 2.91 16.14
N SER B 92 32.12 3.88 17.03
CA SER B 92 33.03 3.99 18.14
C SER B 92 32.20 4.40 19.34
N ALA B 93 32.68 4.07 20.54
CA ALA B 93 31.95 4.37 21.76
C ALA B 93 31.73 5.87 21.93
N ALA B 94 30.55 6.23 22.40
CA ALA B 94 30.26 7.61 22.76
C ALA B 94 31.10 7.97 23.97
N SER B 95 31.56 9.22 24.03
CA SER B 95 32.17 9.76 25.23
C SER B 95 31.06 10.10 26.22
N LEU B 96 30.98 9.32 27.30
CA LEU B 96 29.93 9.54 28.31
C LEU B 96 30.28 10.66 29.25
N ASN B 97 29.27 11.46 29.62
CA ASN B 97 29.40 12.62 30.50
C ASN B 97 28.01 13.01 31.02
N SER B 98 27.89 14.17 31.67
CA SER B 98 26.57 14.62 32.20
C SER B 98 25.46 14.79 31.12
N ARG B 99 25.85 15.14 29.89
CA ARG B 99 24.90 15.36 28.78
C ARG B 99 24.73 14.19 27.78
N VAL B 100 25.60 13.18 27.90
CA VAL B 100 25.51 11.94 27.12
C VAL B 100 25.72 10.79 28.09
N ALA B 101 24.62 10.10 28.42
CA ALA B 101 24.61 9.07 29.45
C ALA B 101 23.63 7.96 29.06
N SER B 102 23.89 6.74 29.51
CA SER B 102 23.04 5.62 29.16
C SER B 102 21.87 5.49 30.14
N ILE B 103 20.81 4.83 29.67
CA ILE B 103 19.65 4.56 30.48
C ILE B 103 19.60 3.06 30.79
N SER B 104 19.23 2.73 32.01
CA SER B 104 19.16 1.35 32.46
C SER B 104 18.04 0.59 31.76
N LEU B 105 18.30 -0.68 31.49
CA LEU B 105 17.28 -1.60 31.04
C LEU B 105 16.40 -2.04 32.22
N PRO B 106 15.15 -2.43 31.95
CA PRO B 106 14.33 -2.88 33.08
C PRO B 106 14.80 -4.18 33.74
N THR B 107 14.43 -4.35 35.01
CA THR B 107 14.70 -5.57 35.75
C THR B 107 13.38 -6.29 36.08
N SER B 108 12.28 -5.73 35.60
CA SER B 108 10.95 -6.33 35.64
C SER B 108 10.04 -5.42 34.85
N CYS B 109 8.84 -5.91 34.54
CA CYS B 109 7.88 -5.14 33.76
C CYS B 109 7.17 -4.12 34.62
N ALA B 110 6.77 -3.01 33.98
CA ALA B 110 6.00 -1.95 34.66
C ALA B 110 4.50 -2.26 34.63
N SER B 111 3.78 -1.87 35.66
CA SER B 111 2.35 -2.18 35.73
C SER B 111 1.48 -1.01 35.32
N ALA B 112 0.21 -1.26 35.07
CA ALA B 112 -0.76 -0.22 34.67
C ALA B 112 -0.71 0.93 35.66
N GLY B 113 -0.73 2.17 35.13
CA GLY B 113 -0.68 3.38 35.94
C GLY B 113 0.70 4.00 36.18
N THR B 114 1.76 3.24 35.94
CA THR B 114 3.11 3.77 36.11
C THR B 114 3.31 4.99 35.20
N GLN B 115 3.69 6.10 35.81
CA GLN B 115 4.00 7.31 35.07
C GLN B 115 5.37 7.21 34.45
N CYS B 116 5.46 7.57 33.18
CA CYS B 116 6.69 7.50 32.42
C CYS B 116 7.01 8.78 31.68
N LEU B 117 8.28 8.92 31.30
CA LEU B 117 8.76 10.03 30.51
C LEU B 117 8.96 9.60 29.06
N ILE B 118 8.27 10.26 28.14
CA ILE B 118 8.40 9.93 26.75
C ILE B 118 8.97 11.18 26.10
N SER B 119 9.97 11.00 25.24
CA SER B 119 10.64 12.13 24.61
C SER B 119 10.95 11.97 23.12
N GLY B 120 11.06 13.10 22.45
CA GLY B 120 11.41 13.08 21.04
C GLY B 120 11.32 14.44 20.39
N TRP B 121 11.64 14.44 19.10
CA TRP B 121 11.65 15.61 18.25
C TRP B 121 10.56 15.50 17.19
N GLY B 122 9.57 14.66 17.43
CA GLY B 122 8.51 14.44 16.46
C GLY B 122 7.45 15.52 16.53
N ASN B 123 6.39 15.35 15.74
CA ASN B 123 5.33 16.32 15.57
C ASN B 123 4.71 16.72 16.91
N THR B 124 4.41 18.01 17.08
CA THR B 124 3.85 18.55 18.31
C THR B 124 2.37 18.87 18.18
N LYS B 125 1.85 18.78 16.96
CA LYS B 125 0.42 18.99 16.70
C LYS B 125 -0.24 17.65 16.43
N SER B 126 -1.50 17.48 16.85
CA SER B 126 -2.29 16.33 16.36
C SER B 126 -3.22 16.73 15.19
N SER B 127 -3.50 18.03 15.10
CA SER B 127 -4.23 18.62 13.99
C SER B 127 -3.24 19.39 13.12
N GLY B 128 -2.46 18.65 12.34
CA GLY B 128 -1.50 19.29 11.46
C GLY B 128 -0.10 18.74 11.58
N THR B 129 0.88 19.62 11.46
CA THR B 129 2.27 19.19 11.52
C THR B 129 3.22 20.33 11.85
N SER B 130 3.93 20.16 12.95
CA SER B 130 4.92 21.12 13.37
C SER B 130 6.04 20.31 14.00
N TYR B 131 7.24 20.50 13.49
CA TYR B 131 8.39 19.80 14.01
C TYR B 131 9.26 20.75 14.84
N PRO B 132 9.51 20.38 16.10
CA PRO B 132 10.20 21.24 17.03
C PRO B 132 11.71 21.28 16.77
N ASP B 133 12.34 22.39 17.16
CA ASP B 133 13.79 22.54 17.19
C ASP B 133 14.38 21.79 18.38
N VAL B 134 13.81 22.04 19.56
CA VAL B 134 14.32 21.50 20.84
C VAL B 134 13.54 20.27 21.29
N LEU B 135 14.16 19.44 22.12
CA LEU B 135 13.57 18.22 22.60
C LEU B 135 12.32 18.47 23.43
N LYS B 136 11.28 17.70 23.13
CA LYS B 136 10.02 17.75 23.83
C LYS B 136 9.85 16.52 24.74
N CYS B 137 9.13 16.72 25.84
CA CYS B 137 8.96 15.69 26.86
C CYS B 137 7.48 15.54 27.22
N LEU B 138 7.09 14.32 27.56
CA LEU B 138 5.74 14.01 28.00
C LEU B 138 5.75 13.03 29.16
N LYS B 139 5.00 13.37 30.20
CA LYS B 139 4.72 12.44 31.27
C LYS B 139 3.39 11.77 31.00
N ALA B 140 3.39 10.44 30.96
CA ALA B 140 2.22 9.71 30.58
C ALA B 140 2.16 8.42 31.39
N PRO B 141 0.96 8.01 31.83
CA PRO B 141 0.89 6.71 32.53
C PRO B 141 0.65 5.54 31.59
N ILE B 142 1.29 4.41 31.88
CA ILE B 142 0.99 3.15 31.21
C ILE B 142 -0.45 2.79 31.47
N LEU B 143 -1.17 2.43 30.40
CA LEU B 143 -2.56 2.03 30.51
C LEU B 143 -2.73 0.52 30.72
N SER B 144 -3.86 0.11 31.30
CA SER B 144 -4.17 -1.32 31.46
C SER B 144 -4.23 -1.97 30.10
N ASP B 145 -3.86 -3.24 30.06
CA ASP B 145 -3.78 -4.00 28.81
C ASP B 145 -5.17 -4.12 28.23
N SER B 146 -6.15 -4.12 29.12
CA SER B 146 -7.55 -4.22 28.76
C SER B 146 -7.98 -3.04 27.89
N SER B 147 -7.73 -1.82 28.36
CA SER B 147 -8.19 -0.65 27.62
C SER B 147 -7.37 -0.47 26.34
N CYS B 148 -6.08 -0.75 26.45
CA CYS B 148 -5.19 -0.80 25.30
C CYS B 148 -5.72 -1.73 24.21
N LYS B 149 -6.01 -2.98 24.55
CA LYS B 149 -6.54 -3.95 23.57
C LYS B 149 -7.85 -3.51 22.95
N SER B 150 -8.69 -2.87 23.76
CA SER B 150 -9.99 -2.35 23.32
C SER B 150 -9.84 -1.18 22.37
N ALA B 151 -8.84 -0.34 22.63
CA ALA B 151 -8.54 0.78 21.78
C ALA B 151 -8.20 0.29 20.39
N TYR B 152 -7.40 -0.79 20.32
CA TYR B 152 -6.95 -1.35 19.04
C TYR B 152 -7.24 -2.85 18.92
N PRO B 153 -8.52 -3.21 18.70
CA PRO B 153 -8.94 -4.62 18.75
C PRO B 153 -8.17 -5.50 17.78
N GLY B 154 -7.71 -6.67 18.25
CA GLY B 154 -6.92 -7.59 17.43
C GLY B 154 -5.52 -7.14 16.95
N GLN B 155 -4.99 -6.05 17.52
CA GLN B 155 -3.74 -5.45 17.01
C GLN B 155 -2.64 -5.39 18.06
N ILE B 156 -3.02 -5.50 19.34
CA ILE B 156 -2.07 -5.44 20.46
C ILE B 156 -1.59 -6.85 20.81
N THR B 157 -0.28 -7.08 20.75
CA THR B 157 0.31 -8.34 21.17
C THR B 157 0.91 -8.16 22.58
N SER B 158 1.45 -9.24 23.13
CA SER B 158 2.05 -9.17 24.46
C SER B 158 3.41 -8.45 24.44
N ASN B 159 3.86 -8.05 23.24
CA ASN B 159 5.08 -7.26 23.12
C ASN B 159 4.83 -5.77 22.93
N MET B 160 3.60 -5.34 23.20
CA MET B 160 3.22 -3.93 23.09
C MET B 160 2.49 -3.56 24.36
N PHE B 161 2.49 -2.27 24.68
CA PHE B 161 1.58 -1.76 25.70
C PHE B 161 1.23 -0.36 25.24
N CYS B 162 0.18 0.21 25.80
CA CYS B 162 -0.23 1.56 25.49
C CYS B 162 0.19 2.46 26.64
N ALA B 163 0.46 3.73 26.36
CA ALA B 163 0.58 4.72 27.41
C ALA B 163 0.01 6.01 26.85
N GLY B 164 -0.47 6.89 27.72
CA GLY B 164 -1.00 8.16 27.30
C GLY B 164 -2.30 8.42 28.00
N TYR B 165 -3.29 8.92 27.26
CA TYR B 165 -4.56 9.34 27.86
C TYR B 165 -5.72 8.96 26.93
N LEU B 166 -6.65 8.16 27.44
CA LEU B 166 -7.85 7.79 26.69
C LEU B 166 -8.67 8.98 26.17
N GLU B 167 -8.57 10.10 26.87
N GLU B 167 -8.60 10.11 26.86
CA GLU B 167 -9.25 11.33 26.49
CA GLU B 167 -9.29 11.31 26.39
C GLU B 167 -8.47 12.13 25.44
C GLU B 167 -8.55 12.03 25.28
N GLY B 168 -7.31 11.63 25.03
CA GLY B 168 -6.45 12.32 24.07
C GLY B 168 -5.70 13.57 24.59
N GLY B 169 -5.07 14.30 23.68
CA GLY B 169 -4.41 15.57 24.01
C GLY B 169 -2.90 15.48 24.22
N LYS B 170 -2.42 14.29 24.60
CA LYS B 170 -1.02 14.09 24.94
C LYS B 170 -0.62 12.74 24.39
N ASP B 171 0.45 12.70 23.61
CA ASP B 171 0.83 11.49 22.90
C ASP B 171 2.18 11.68 22.29
N SER B 172 2.80 10.58 21.87
CA SER B 172 3.99 10.65 21.02
C SER B 172 3.48 10.74 19.60
N CYS B 173 4.33 11.17 18.68
CA CYS B 173 3.83 11.40 17.33
C CYS B 173 4.85 11.09 16.22
N GLN B 174 4.48 11.31 14.94
CA GLN B 174 5.38 11.14 13.80
C GLN B 174 6.76 11.74 14.08
N GLY B 175 7.79 10.91 13.94
CA GLY B 175 9.17 11.31 14.23
C GLY B 175 9.68 11.01 15.63
N ASP B 176 8.79 10.52 16.51
CA ASP B 176 9.15 10.12 17.88
C ASP B 176 9.50 8.65 17.96
N SER B 177 9.16 7.91 16.90
CA SER B 177 9.49 6.48 16.80
C SER B 177 10.91 6.14 17.18
N GLY B 178 11.07 5.03 17.92
CA GLY B 178 12.37 4.61 18.37
C GLY B 178 12.75 5.25 19.67
N GLY B 179 12.01 6.29 20.04
CA GLY B 179 12.29 7.09 21.22
C GLY B 179 11.98 6.40 22.53
N PRO B 180 12.53 6.93 23.64
CA PRO B 180 12.44 6.30 24.95
C PRO B 180 11.11 6.50 25.65
N VAL B 181 10.67 5.48 26.36
CA VAL B 181 9.62 5.59 27.35
C VAL B 181 10.25 5.10 28.65
N VAL B 182 10.50 6.03 29.57
CA VAL B 182 11.28 5.72 30.76
C VAL B 182 10.42 5.88 32.01
N CYS B 183 10.42 4.85 32.83
CA CYS B 183 9.58 4.78 34.00
C CYS B 183 10.46 4.41 35.16
N SER B 184 10.52 5.30 36.16
CA SER B 184 11.38 5.10 37.32
C SER B 184 12.79 4.67 36.92
N GLY B 185 13.41 5.43 36.02
CA GLY B 185 14.80 5.23 35.68
C GLY B 185 15.08 4.07 34.72
N LYS B 186 14.04 3.36 34.29
CA LYS B 186 14.24 2.22 33.38
C LYS B 186 13.53 2.43 32.07
N LEU B 187 14.20 2.01 31.00
CA LEU B 187 13.63 2.03 29.66
C LEU B 187 12.61 0.92 29.49
N GLN B 188 11.32 1.24 29.64
CA GLN B 188 10.25 0.25 29.55
C GLN B 188 9.60 0.17 28.17
N GLY B 189 9.81 1.22 27.37
CA GLY B 189 9.06 1.38 26.15
C GLY B 189 9.84 2.05 25.05
N ILE B 190 9.48 1.70 23.82
CA ILE B 190 10.04 2.29 22.62
C ILE B 190 8.82 2.78 21.84
N VAL B 191 8.86 4.05 21.40
CA VAL B 191 7.76 4.61 20.65
C VAL B 191 7.60 3.78 19.36
N SER B 192 6.41 3.27 19.12
CA SER B 192 6.19 2.37 18.00
C SER B 192 5.14 2.90 17.00
N TRP B 193 3.87 2.91 17.41
CA TRP B 193 2.80 3.31 16.51
C TRP B 193 1.58 3.86 17.28
N GLY B 194 0.52 4.17 16.53
CA GLY B 194 -0.75 4.59 17.09
C GLY B 194 -1.65 4.93 15.93
N SER B 195 -2.91 5.22 16.21
CA SER B 195 -3.84 5.73 15.21
C SER B 195 -3.92 7.25 15.38
N GLY B 196 -3.22 7.96 14.49
CA GLY B 196 -2.93 9.38 14.63
C GLY B 196 -2.18 9.60 15.92
N CYS B 197 -2.28 10.82 16.46
CA CYS B 197 -1.67 11.19 17.72
C CYS B 197 -2.67 11.97 18.55
N ALA B 198 -2.68 11.69 19.85
CA ALA B 198 -3.47 12.44 20.83
C ALA B 198 -4.97 12.37 20.61
N GLN B 199 -5.43 11.45 19.77
CA GLN B 199 -6.85 11.31 19.55
C GLN B 199 -7.50 10.64 20.76
N LYS B 200 -8.81 10.88 20.88
CA LYS B 200 -9.63 10.23 21.88
C LYS B 200 -9.58 8.73 21.69
N ASN B 201 -9.38 8.01 22.79
CA ASN B 201 -9.40 6.55 22.76
C ASN B 201 -8.38 5.93 21.78
N LYS B 202 -7.37 6.70 21.41
CA LYS B 202 -6.29 6.18 20.54
C LYS B 202 -4.95 6.51 21.16
N PRO B 203 -4.62 5.82 22.26
CA PRO B 203 -3.35 6.12 22.90
C PRO B 203 -2.21 5.56 22.06
N GLY B 204 -1.00 6.06 22.29
CA GLY B 204 0.17 5.55 21.57
C GLY B 204 0.52 4.15 22.05
N VAL B 205 1.14 3.38 21.16
CA VAL B 205 1.48 1.99 21.43
C VAL B 205 3.01 1.87 21.41
N TYR B 206 3.55 1.04 22.28
CA TYR B 206 4.97 1.06 22.58
C TYR B 206 5.54 -0.35 22.63
N THR B 207 6.78 -0.49 22.18
CA THR B 207 7.43 -1.78 22.32
C THR B 207 7.71 -2.11 23.80
N LYS B 208 7.26 -3.28 24.25
CA LYS B 208 7.41 -3.68 25.64
C LYS B 208 8.83 -4.19 25.88
N VAL B 209 9.72 -3.27 26.17
CA VAL B 209 11.15 -3.60 26.32
C VAL B 209 11.43 -4.72 27.35
N CYS B 210 10.68 -4.76 28.45
CA CYS B 210 10.94 -5.75 29.51
C CYS B 210 10.89 -7.17 29.00
N ASN B 211 10.28 -7.37 27.82
CA ASN B 211 10.30 -8.65 27.12
C ASN B 211 11.63 -8.99 26.45
N TYR B 212 12.51 -8.00 26.32
CA TYR B 212 13.65 -8.09 25.39
C TYR B 212 15.02 -7.98 26.05
N VAL B 213 15.02 -7.88 27.38
CA VAL B 213 16.22 -7.59 28.13
C VAL B 213 17.25 -8.69 27.92
N SER B 214 16.81 -9.94 27.94
CA SER B 214 17.71 -11.05 27.63
C SER B 214 18.17 -11.05 26.17
N TRP B 215 17.27 -10.75 25.23
CA TRP B 215 17.67 -10.73 23.82
C TRP B 215 18.72 -9.62 23.51
N ILE B 216 18.48 -8.43 24.06
CA ILE B 216 19.46 -7.34 24.07
C ILE B 216 20.85 -7.73 24.62
N LYS B 217 20.90 -8.43 25.76
CA LYS B 217 22.19 -8.84 26.34
C LYS B 217 22.93 -9.72 25.39
N GLN B 218 22.25 -10.75 24.91
CA GLN B 218 22.86 -11.76 24.04
C GLN B 218 23.40 -11.11 22.77
N THR B 219 22.56 -10.28 22.14
CA THR B 219 22.96 -9.55 20.95
C THR B 219 24.19 -8.67 21.20
N ILE B 220 24.20 -7.91 22.29
CA ILE B 220 25.37 -7.09 22.62
C ILE B 220 26.61 -7.93 22.83
N ALA B 221 26.46 -9.10 23.44
CA ALA B 221 27.62 -9.94 23.74
C ALA B 221 28.11 -10.77 22.56
N SER B 222 27.35 -10.81 21.46
CA SER B 222 27.73 -11.57 20.26
C SER B 222 28.10 -10.67 19.09
N ASN B 223 28.11 -9.36 19.32
CA ASN B 223 28.28 -8.38 18.25
C ASN B 223 29.24 -7.26 18.57
N ILE C 1 -13.84 -10.65 -8.12
CA ILE C 1 -15.28 -10.34 -8.37
C ILE C 1 -15.86 -9.62 -7.16
N VAL C 2 -16.40 -8.43 -7.37
CA VAL C 2 -17.01 -7.65 -6.31
C VAL C 2 -18.52 -7.79 -6.46
N GLY C 3 -19.20 -8.05 -5.34
CA GLY C 3 -20.66 -8.12 -5.33
C GLY C 3 -21.21 -9.39 -5.93
N GLY C 4 -20.36 -10.40 -6.04
CA GLY C 4 -20.81 -11.69 -6.50
C GLY C 4 -21.07 -12.65 -5.36
N TYR C 5 -21.17 -13.93 -5.70
CA TYR C 5 -21.46 -14.92 -4.70
C TYR C 5 -20.45 -16.06 -4.81
N THR C 6 -20.41 -16.94 -3.82
CA THR C 6 -19.56 -18.10 -3.87
C THR C 6 -20.16 -19.01 -4.93
N CYS C 7 -19.37 -19.34 -5.95
CA CYS C 7 -19.85 -20.25 -6.99
C CYS C 7 -20.38 -21.57 -6.40
N GLY C 8 -19.56 -22.20 -5.57
CA GLY C 8 -19.81 -23.56 -5.09
C GLY C 8 -18.82 -24.44 -5.80
N ALA C 9 -18.13 -25.31 -5.05
CA ALA C 9 -17.08 -26.19 -5.58
C ALA C 9 -17.42 -26.86 -6.92
N ASN C 10 -16.56 -26.60 -7.91
CA ASN C 10 -16.62 -27.24 -9.23
C ASN C 10 -17.84 -26.93 -10.13
N THR C 11 -18.65 -25.93 -9.75
CA THR C 11 -19.87 -25.58 -10.51
C THR C 11 -19.53 -24.77 -11.77
N VAL C 12 -18.25 -24.44 -11.90
CA VAL C 12 -17.69 -23.74 -13.07
C VAL C 12 -16.45 -24.54 -13.52
N PRO C 13 -16.67 -25.71 -14.16
CA PRO C 13 -15.58 -26.65 -14.47
C PRO C 13 -14.60 -26.17 -15.54
N TYR C 14 -14.90 -25.09 -16.23
CA TYR C 14 -14.03 -24.56 -17.27
C TYR C 14 -13.07 -23.47 -16.74
N GLN C 15 -13.29 -23.02 -15.49
CA GLN C 15 -12.45 -21.98 -14.87
C GLN C 15 -11.12 -22.57 -14.50
N VAL C 16 -10.04 -21.92 -14.95
CA VAL C 16 -8.69 -22.31 -14.54
C VAL C 16 -8.00 -21.06 -14.05
N SER C 17 -6.85 -21.23 -13.41
CA SER C 17 -6.06 -20.08 -12.96
C SER C 17 -4.68 -20.14 -13.63
N LEU C 18 -4.04 -18.97 -13.73
CA LEU C 18 -2.69 -18.91 -14.27
C LEU C 18 -1.75 -18.56 -13.12
N ASN C 19 -0.71 -19.36 -12.94
CA ASN C 19 0.17 -19.20 -11.77
C ASN C 19 1.65 -19.04 -12.08
N SER C 20 2.30 -18.14 -11.37
CA SER C 20 3.77 -18.11 -11.34
C SER C 20 4.18 -17.76 -9.90
N GLY C 21 4.04 -18.75 -9.03
CA GLY C 21 4.14 -18.46 -7.60
C GLY C 21 2.84 -17.84 -7.11
N TYR C 22 2.31 -16.86 -7.85
CA TYR C 22 1.03 -16.26 -7.52
C TYR C 22 0.01 -16.70 -8.55
N HIS C 23 -1.24 -16.77 -8.11
CA HIS C 23 -2.39 -16.83 -9.00
C HIS C 23 -2.64 -15.37 -9.40
N PHE C 24 -2.46 -15.09 -10.68
CA PHE C 24 -2.46 -13.72 -11.15
C PHE C 24 -3.51 -13.46 -12.25
N CYS C 25 -4.16 -14.52 -12.74
CA CYS C 25 -5.18 -14.41 -13.78
C CYS C 25 -6.07 -15.66 -13.77
N GLY C 26 -7.29 -15.53 -14.27
CA GLY C 26 -8.12 -16.66 -14.65
C GLY C 26 -7.90 -17.06 -16.12
N GLY C 27 -8.59 -18.12 -16.54
CA GLY C 27 -8.61 -18.58 -17.93
C GLY C 27 -9.77 -19.55 -18.10
N SER C 28 -10.03 -19.93 -19.36
CA SER C 28 -11.10 -20.86 -19.67
C SER C 28 -10.52 -22.01 -20.47
N LEU C 29 -10.91 -23.23 -20.12
CA LEU C 29 -10.47 -24.41 -20.82
C LEU C 29 -11.42 -24.62 -21.98
N ILE C 30 -10.89 -24.54 -23.19
CA ILE C 30 -11.71 -24.71 -24.38
C ILE C 30 -11.55 -26.10 -24.96
N ASN C 31 -10.53 -26.81 -24.50
CA ASN C 31 -10.36 -28.22 -24.78
C ASN C 31 -9.24 -28.84 -23.94
N SER C 32 -9.07 -30.15 -24.05
CA SER C 32 -8.14 -30.86 -23.19
C SER C 32 -6.73 -30.27 -23.12
N GLN C 33 -6.36 -29.51 -24.13
CA GLN C 33 -5.00 -28.99 -24.20
C GLN C 33 -4.87 -27.48 -24.35
N TRP C 34 -5.99 -26.79 -24.45
CA TRP C 34 -5.93 -25.36 -24.70
C TRP C 34 -6.75 -24.54 -23.71
N VAL C 35 -6.10 -23.56 -23.12
CA VAL C 35 -6.76 -22.54 -22.31
C VAL C 35 -6.78 -21.23 -23.07
N VAL C 36 -7.92 -20.54 -23.03
CA VAL C 36 -7.98 -19.18 -23.51
C VAL C 36 -8.00 -18.21 -22.34
N SER C 37 -7.19 -17.17 -22.44
CA SER C 37 -7.11 -16.15 -21.40
C SER C 37 -6.79 -14.80 -22.03
N ALA C 38 -6.31 -13.86 -21.23
CA ALA C 38 -6.06 -12.50 -21.70
C ALA C 38 -4.61 -12.33 -22.08
N ALA C 39 -4.35 -11.60 -23.17
CA ALA C 39 -3.00 -11.35 -23.65
C ALA C 39 -2.09 -10.68 -22.61
N HIS C 40 -2.66 -9.80 -21.79
CA HIS C 40 -1.89 -9.08 -20.76
C HIS C 40 -1.54 -9.98 -19.58
N CYS C 41 -2.16 -11.15 -19.54
CA CYS C 41 -1.80 -12.20 -18.60
C CYS C 41 -0.57 -13.00 -19.02
N TYR C 42 0.04 -12.65 -20.14
CA TYR C 42 1.19 -13.42 -20.58
C TYR C 42 2.35 -13.30 -19.60
N LYS C 43 3.01 -14.43 -19.38
CA LYS C 43 4.16 -14.53 -18.50
C LYS C 43 4.82 -15.82 -19.00
N SER C 44 6.14 -15.92 -18.96
CA SER C 44 6.76 -17.19 -19.32
C SER C 44 6.62 -18.15 -18.14
N GLY C 45 6.59 -19.45 -18.42
CA GLY C 45 6.55 -20.47 -17.37
C GLY C 45 5.29 -20.42 -16.54
N ILE C 46 4.16 -20.29 -17.21
CA ILE C 46 2.89 -20.32 -16.54
C ILE C 46 2.55 -21.76 -16.16
N GLN C 47 2.05 -21.93 -14.94
CA GLN C 47 1.39 -23.14 -14.50
C GLN C 47 -0.13 -22.87 -14.54
N VAL C 48 -0.84 -23.74 -15.23
CA VAL C 48 -2.29 -23.64 -15.27
C VAL C 48 -2.81 -24.61 -14.22
N ARG C 49 -3.74 -24.16 -13.40
CA ARG C 49 -4.35 -25.05 -12.43
C ARG C 49 -5.83 -25.23 -12.72
N LEU C 50 -6.31 -26.46 -12.64
CA LEU C 50 -7.69 -26.81 -13.00
C LEU C 50 -8.39 -27.51 -11.84
N GLY C 51 -9.72 -27.45 -11.82
CA GLY C 51 -10.52 -28.18 -10.85
C GLY C 51 -10.37 -27.66 -9.43
N GLU C 52 -10.04 -26.38 -9.32
CA GLU C 52 -9.86 -25.75 -8.01
C GLU C 52 -11.15 -25.22 -7.44
N ASP C 53 -11.25 -25.21 -6.12
CA ASP C 53 -12.20 -24.34 -5.45
C ASP C 53 -11.44 -23.42 -4.52
N ASN C 54 -10.78 -24.00 -3.52
CA ASN C 54 -9.95 -23.24 -2.60
C ASN C 54 -8.52 -23.23 -3.11
N ILE C 55 -8.16 -22.10 -3.72
CA ILE C 55 -6.84 -21.90 -4.35
C ILE C 55 -5.65 -21.95 -3.43
N ASN C 56 -5.87 -21.79 -2.13
CA ASN C 56 -4.77 -21.76 -1.16
C ASN C 56 -4.53 -23.12 -0.52
N VAL C 57 -5.12 -24.15 -1.14
CA VAL C 57 -5.08 -25.54 -0.71
C VAL C 57 -4.91 -26.42 -1.95
N VAL C 58 -4.20 -27.52 -1.81
CA VAL C 58 -4.34 -28.64 -2.75
C VAL C 58 -5.57 -29.45 -2.28
N GLU C 59 -6.63 -29.46 -3.08
CA GLU C 59 -7.87 -30.13 -2.67
C GLU C 59 -8.06 -31.53 -3.26
N GLY C 60 -7.20 -31.91 -4.20
CA GLY C 60 -7.09 -33.32 -4.58
C GLY C 60 -8.03 -33.71 -5.70
N ASN C 61 -8.82 -32.76 -6.17
CA ASN C 61 -9.51 -32.90 -7.44
C ASN C 61 -8.81 -32.04 -8.48
N GLU C 62 -7.75 -31.36 -8.06
CA GLU C 62 -7.05 -30.39 -8.86
C GLU C 62 -6.00 -31.00 -9.80
N GLN C 63 -5.72 -30.29 -10.88
CA GLN C 63 -4.71 -30.62 -11.84
C GLN C 63 -3.88 -29.35 -12.04
N PHE C 64 -2.57 -29.55 -12.13
CA PHE C 64 -1.62 -28.50 -12.41
C PHE C 64 -0.76 -28.95 -13.58
N ILE C 65 -0.89 -28.23 -14.69
CA ILE C 65 -0.18 -28.55 -15.89
C ILE C 65 0.53 -27.29 -16.36
N SER C 66 1.80 -27.44 -16.75
CA SER C 66 2.58 -26.33 -17.27
C SER C 66 2.16 -25.93 -18.67
N ALA C 67 2.21 -24.63 -18.93
CA ALA C 67 2.03 -24.11 -20.28
C ALA C 67 3.25 -24.50 -21.11
N SER C 68 3.01 -25.19 -22.22
CA SER C 68 4.08 -25.46 -23.17
C SER C 68 4.19 -24.34 -24.19
N LYS C 69 3.07 -23.70 -24.50
CA LYS C 69 3.03 -22.56 -25.41
C LYS C 69 2.07 -21.47 -24.94
N SER C 70 2.55 -20.23 -24.95
CA SER C 70 1.70 -19.10 -24.59
C SER C 70 1.67 -18.12 -25.75
N ILE C 71 0.67 -18.32 -26.62
CA ILE C 71 0.54 -17.57 -27.86
C ILE C 71 -0.37 -16.36 -27.68
N VAL C 72 0.26 -15.20 -27.54
CA VAL C 72 -0.43 -13.93 -27.56
C VAL C 72 -0.84 -13.61 -29.01
N HIS C 73 -2.03 -13.02 -29.17
CA HIS C 73 -2.59 -12.68 -30.48
C HIS C 73 -1.65 -11.68 -31.16
N PRO C 74 -1.35 -11.89 -32.44
CA PRO C 74 -0.30 -11.08 -33.06
C PRO C 74 -0.65 -9.60 -33.17
N SER C 75 -1.93 -9.23 -33.07
CA SER C 75 -2.36 -7.83 -33.16
C SER C 75 -2.72 -7.24 -31.78
N TYR C 76 -2.33 -7.95 -30.73
CA TYR C 76 -2.47 -7.45 -29.38
C TYR C 76 -1.75 -6.12 -29.22
N ASN C 77 -2.43 -5.16 -28.60
CA ASN C 77 -1.86 -3.85 -28.29
C ASN C 77 -1.96 -3.62 -26.79
N SER C 78 -0.81 -3.59 -26.11
CA SER C 78 -0.80 -3.44 -24.65
C SER C 78 -1.14 -2.02 -24.14
N ASN C 79 -1.24 -1.02 -25.00
CA ASN C 79 -1.70 0.31 -24.58
C ASN C 79 -3.21 0.45 -24.62
N THR C 80 -3.80 -0.01 -25.71
CA THR C 80 -5.23 0.09 -25.92
C THR C 80 -5.91 -1.17 -25.41
N LEU C 81 -5.15 -2.27 -25.31
CA LEU C 81 -5.66 -3.59 -24.95
C LEU C 81 -6.64 -4.15 -26.00
N ASN C 82 -6.53 -3.63 -27.22
CA ASN C 82 -7.20 -4.19 -28.40
C ASN C 82 -6.61 -5.54 -28.70
N ASN C 83 -7.47 -6.53 -28.90
CA ASN C 83 -7.02 -7.90 -29.18
C ASN C 83 -6.43 -8.56 -27.92
N ASP C 84 -7.07 -8.32 -26.79
CA ASP C 84 -6.60 -8.83 -25.52
C ASP C 84 -6.99 -10.31 -25.32
N ILE C 85 -6.42 -11.18 -26.15
CA ILE C 85 -6.71 -12.60 -26.06
C ILE C 85 -5.37 -13.31 -26.23
N MET C 86 -5.23 -14.45 -25.54
CA MET C 86 -4.05 -15.28 -25.59
C MET C 86 -4.46 -16.75 -25.53
N LEU C 87 -3.77 -17.61 -26.27
CA LEU C 87 -4.01 -19.05 -26.16
C LEU C 87 -2.86 -19.70 -25.42
N ILE C 88 -3.19 -20.63 -24.53
CA ILE C 88 -2.18 -21.39 -23.82
C ILE C 88 -2.32 -22.89 -24.13
N LYS C 89 -1.26 -23.46 -24.66
CA LYS C 89 -1.20 -24.88 -24.82
C LYS C 89 -0.66 -25.55 -23.57
N LEU C 90 -1.38 -26.57 -23.10
CA LEU C 90 -0.96 -27.37 -21.98
C LEU C 90 0.13 -28.36 -22.41
N LYS C 91 1.11 -28.58 -21.54
CA LYS C 91 2.22 -29.49 -21.79
C LYS C 91 1.70 -30.89 -22.02
N SER C 92 0.65 -31.23 -21.28
CA SER C 92 0.01 -32.53 -21.40
C SER C 92 -1.47 -32.31 -21.24
N ALA C 93 -2.24 -33.13 -21.93
CA ALA C 93 -3.68 -33.03 -21.96
C ALA C 93 -4.27 -33.19 -20.58
N ALA C 94 -5.16 -32.26 -20.25
CA ALA C 94 -5.93 -32.28 -19.02
C ALA C 94 -6.85 -33.49 -18.99
N SER C 95 -6.94 -34.14 -17.84
CA SER C 95 -7.90 -35.19 -17.61
C SER C 95 -9.26 -34.53 -17.37
N LEU C 96 -10.23 -34.83 -18.24
CA LEU C 96 -11.55 -34.22 -18.17
C LEU C 96 -12.54 -35.11 -17.44
N ASN C 97 -13.42 -34.48 -16.69
CA ASN C 97 -14.45 -35.19 -15.94
C ASN C 97 -15.37 -34.09 -15.47
N SER C 98 -16.31 -34.43 -14.58
CA SER C 98 -17.25 -33.46 -14.04
C SER C 98 -16.71 -32.14 -13.46
N ARG C 99 -15.47 -32.19 -12.95
CA ARG C 99 -14.86 -31.04 -12.26
C ARG C 99 -13.88 -30.24 -13.12
N VAL C 100 -13.52 -30.81 -14.28
CA VAL C 100 -12.71 -30.12 -15.28
C VAL C 100 -13.34 -30.41 -16.64
N ALA C 101 -14.07 -29.45 -17.18
CA ALA C 101 -14.73 -29.56 -18.48
C ALA C 101 -14.38 -28.37 -19.35
N SER C 102 -14.38 -28.57 -20.67
CA SER C 102 -14.19 -27.47 -21.63
C SER C 102 -15.47 -26.65 -21.80
N ILE C 103 -15.30 -25.38 -22.12
CA ILE C 103 -16.44 -24.52 -22.46
C ILE C 103 -16.46 -24.30 -23.96
N SER C 104 -17.64 -24.42 -24.57
CA SER C 104 -17.75 -24.24 -26.01
C SER C 104 -17.45 -22.81 -26.42
N LEU C 105 -16.76 -22.68 -27.54
CA LEU C 105 -16.61 -21.40 -28.22
C LEU C 105 -17.94 -21.00 -28.84
N PRO C 106 -18.22 -19.69 -28.90
CA PRO C 106 -19.49 -19.24 -29.45
C PRO C 106 -19.56 -19.44 -30.97
N THR C 107 -20.77 -19.70 -31.49
CA THR C 107 -20.95 -19.87 -32.93
C THR C 107 -21.36 -18.56 -33.58
N SER C 108 -21.90 -17.65 -32.77
CA SER C 108 -22.19 -16.27 -33.15
C SER C 108 -22.06 -15.35 -31.92
N CYS C 109 -22.10 -14.03 -32.14
CA CYS C 109 -21.97 -13.09 -31.03
C CYS C 109 -23.26 -13.00 -30.21
N ALA C 110 -23.15 -12.64 -28.93
CA ALA C 110 -24.32 -12.36 -28.09
C ALA C 110 -24.77 -10.89 -28.20
N SER C 111 -26.05 -10.63 -27.98
CA SER C 111 -26.59 -9.27 -28.07
C SER C 111 -26.68 -8.58 -26.71
N ALA C 112 -26.89 -7.27 -26.72
CA ALA C 112 -27.12 -6.47 -25.51
C ALA C 112 -28.25 -7.08 -24.67
N GLY C 113 -28.07 -7.12 -23.35
CA GLY C 113 -29.10 -7.60 -22.43
C GLY C 113 -28.97 -9.06 -22.03
N THR C 114 -28.20 -9.82 -22.80
CA THR C 114 -27.97 -11.24 -22.52
C THR C 114 -27.33 -11.41 -21.14
N GLN C 115 -27.82 -12.39 -20.38
CA GLN C 115 -27.28 -12.68 -19.05
C GLN C 115 -26.01 -13.54 -19.16
N CYS C 116 -24.96 -13.15 -18.46
CA CYS C 116 -23.73 -13.95 -18.44
C CYS C 116 -23.19 -14.26 -17.05
N LEU C 117 -22.37 -15.29 -16.99
CA LEU C 117 -21.70 -15.68 -15.77
C LEU C 117 -20.24 -15.28 -15.89
N ILE C 118 -19.79 -14.48 -14.94
CA ILE C 118 -18.41 -14.04 -14.85
C ILE C 118 -17.81 -14.67 -13.59
N SER C 119 -16.59 -15.18 -13.67
CA SER C 119 -16.01 -15.83 -12.47
C SER C 119 -14.54 -15.56 -12.31
N GLY C 120 -14.07 -15.69 -11.08
CA GLY C 120 -12.67 -15.48 -10.74
C GLY C 120 -12.37 -15.40 -9.25
N TRP C 121 -11.07 -15.35 -8.94
CA TRP C 121 -10.57 -15.25 -7.58
C TRP C 121 -10.00 -13.87 -7.28
N GLY C 122 -10.35 -12.89 -8.09
CA GLY C 122 -9.84 -11.54 -7.89
C GLY C 122 -10.49 -10.84 -6.71
N ASN C 123 -10.15 -9.57 -6.54
CA ASN C 123 -10.53 -8.78 -5.39
C ASN C 123 -12.05 -8.72 -5.20
N THR C 124 -12.50 -8.84 -3.95
CA THR C 124 -13.94 -8.77 -3.66
C THR C 124 -14.39 -7.41 -3.13
N LYS C 125 -13.41 -6.56 -2.79
CA LYS C 125 -13.74 -5.21 -2.30
C LYS C 125 -13.35 -4.11 -3.28
N SER C 126 -14.18 -3.07 -3.33
CA SER C 126 -13.92 -1.88 -4.14
C SER C 126 -13.01 -0.91 -3.38
N SER C 127 -12.97 -1.06 -2.06
CA SER C 127 -12.13 -0.23 -1.24
C SER C 127 -11.21 -1.09 -0.41
N GLY C 128 -9.92 -0.97 -0.65
CA GLY C 128 -8.97 -1.84 0.00
C GLY C 128 -8.77 -3.10 -0.81
N THR C 129 -8.53 -4.21 -0.12
CA THR C 129 -8.15 -5.44 -0.78
C THR C 129 -8.59 -6.69 -0.03
N SER C 130 -9.34 -7.55 -0.70
CA SER C 130 -9.61 -8.88 -0.14
C SER C 130 -9.70 -9.95 -1.21
N TYR C 131 -8.84 -10.95 -1.11
CA TYR C 131 -8.76 -12.01 -2.11
C TYR C 131 -9.35 -13.31 -1.58
N PRO C 132 -10.42 -13.79 -2.24
CA PRO C 132 -11.16 -14.96 -1.81
C PRO C 132 -10.35 -16.27 -1.89
N ASP C 133 -10.65 -17.21 -0.98
CA ASP C 133 -10.16 -18.56 -1.08
C ASP C 133 -10.89 -19.30 -2.20
N VAL C 134 -12.23 -19.24 -2.15
CA VAL C 134 -13.09 -20.01 -3.07
C VAL C 134 -13.45 -19.19 -4.30
N LEU C 135 -13.80 -19.85 -5.40
CA LEU C 135 -14.16 -19.15 -6.64
C LEU C 135 -15.39 -18.27 -6.44
N LYS C 136 -15.35 -17.04 -6.96
CA LYS C 136 -16.52 -16.16 -6.91
C LYS C 136 -17.18 -15.96 -8.28
N CYS C 137 -18.49 -15.80 -8.27
CA CYS C 137 -19.31 -15.78 -9.47
C CYS C 137 -20.17 -14.53 -9.48
N LEU C 138 -20.37 -14.00 -10.68
CA LEU C 138 -21.25 -12.89 -10.88
C LEU C 138 -22.06 -13.10 -12.14
N LYS C 139 -23.37 -12.86 -12.03
CA LYS C 139 -24.28 -12.83 -13.17
C LYS C 139 -24.51 -11.38 -13.58
N ALA C 140 -24.25 -11.09 -14.85
CA ALA C 140 -24.18 -9.71 -15.35
C ALA C 140 -24.67 -9.65 -16.80
N PRO C 141 -25.44 -8.60 -17.15
CA PRO C 141 -25.91 -8.46 -18.52
C PRO C 141 -24.87 -7.78 -19.42
N ILE C 142 -24.80 -8.19 -20.69
CA ILE C 142 -23.99 -7.48 -21.68
C ILE C 142 -24.71 -6.18 -22.01
N LEU C 143 -23.98 -5.09 -21.90
CA LEU C 143 -24.56 -3.78 -22.12
C LEU C 143 -24.54 -3.43 -23.59
N SER C 144 -25.32 -2.42 -23.98
CA SER C 144 -25.31 -1.89 -25.34
C SER C 144 -23.95 -1.26 -25.67
N ASP C 145 -23.55 -1.36 -26.95
CA ASP C 145 -22.37 -0.67 -27.49
C ASP C 145 -22.45 0.80 -27.13
N SER C 146 -23.67 1.32 -27.17
CA SER C 146 -23.95 2.72 -26.97
C SER C 146 -23.53 3.18 -25.57
N SER C 147 -23.89 2.42 -24.55
CA SER C 147 -23.58 2.84 -23.20
C SER C 147 -22.14 2.45 -22.80
N CYS C 148 -21.60 1.46 -23.51
CA CYS C 148 -20.22 1.02 -23.33
C CYS C 148 -19.25 2.11 -23.81
N LYS C 149 -19.37 2.51 -25.07
CA LYS C 149 -18.63 3.64 -25.61
C LYS C 149 -18.80 4.96 -24.82
N SER C 150 -20.01 5.24 -24.32
CA SER C 150 -20.21 6.48 -23.57
C SER C 150 -19.42 6.46 -22.27
N ALA C 151 -19.29 5.28 -21.69
CA ALA C 151 -18.61 5.11 -20.41
C ALA C 151 -17.09 5.23 -20.54
N TYR C 152 -16.57 4.75 -21.67
CA TYR C 152 -15.13 4.82 -21.94
C TYR C 152 -14.87 5.48 -23.31
N PRO C 153 -15.10 6.80 -23.41
CA PRO C 153 -15.07 7.38 -24.76
C PRO C 153 -13.74 7.14 -25.43
N GLY C 154 -13.78 6.73 -26.70
CA GLY C 154 -12.57 6.54 -27.51
C GLY C 154 -11.75 5.29 -27.24
N GLN C 155 -12.16 4.48 -26.26
CA GLN C 155 -11.36 3.36 -25.80
C GLN C 155 -11.94 1.99 -26.18
N ILE C 156 -13.19 1.95 -26.60
CA ILE C 156 -13.86 0.68 -26.89
C ILE C 156 -13.73 0.31 -28.38
N THR C 157 -12.91 -0.69 -28.68
CA THR C 157 -12.80 -1.17 -30.05
C THR C 157 -13.93 -2.16 -30.31
N SER C 158 -14.11 -2.53 -31.58
CA SER C 158 -15.11 -3.54 -31.95
C SER C 158 -14.79 -4.92 -31.36
N ASN C 159 -13.65 -5.05 -30.68
CA ASN C 159 -13.20 -6.30 -30.09
C ASN C 159 -13.40 -6.34 -28.58
N MET C 160 -14.19 -5.39 -28.09
CA MET C 160 -14.43 -5.25 -26.66
C MET C 160 -15.92 -5.08 -26.44
N PHE C 161 -16.42 -5.59 -25.33
CA PHE C 161 -17.78 -5.23 -24.92
C PHE C 161 -17.83 -5.00 -23.43
N CYS C 162 -18.91 -4.36 -22.99
CA CYS C 162 -19.14 -4.12 -21.59
C CYS C 162 -20.17 -5.08 -20.99
N ALA C 163 -19.95 -5.47 -19.75
CA ALA C 163 -20.95 -6.19 -18.95
C ALA C 163 -20.96 -5.72 -17.49
N GLY C 164 -22.15 -5.72 -16.90
CA GLY C 164 -22.29 -5.32 -15.53
C GLY C 164 -23.47 -4.42 -15.29
N TYR C 165 -23.28 -3.48 -14.39
CA TYR C 165 -24.34 -2.64 -13.91
C TYR C 165 -23.85 -1.21 -13.93
N LEU C 166 -24.56 -0.34 -14.65
CA LEU C 166 -24.19 1.07 -14.71
C LEU C 166 -24.24 1.72 -13.32
N GLU C 167 -25.12 1.22 -12.44
CA GLU C 167 -25.19 1.75 -11.07
C GLU C 167 -24.07 1.24 -10.13
N GLY C 168 -23.25 0.31 -10.63
CA GLY C 168 -22.11 -0.20 -9.90
C GLY C 168 -22.47 -1.26 -8.88
N GLY C 169 -21.54 -1.55 -7.97
CA GLY C 169 -21.82 -2.50 -6.91
C GLY C 169 -21.49 -3.93 -7.28
N LYS C 170 -21.56 -4.25 -8.58
CA LYS C 170 -21.24 -5.59 -9.08
C LYS C 170 -20.38 -5.51 -10.34
N ASP C 171 -19.22 -6.18 -10.30
CA ASP C 171 -18.20 -6.01 -11.32
C ASP C 171 -17.08 -7.04 -11.16
N SER C 172 -16.29 -7.26 -12.22
CA SER C 172 -15.03 -8.00 -12.12
C SER C 172 -13.96 -7.05 -11.56
N CYS C 173 -12.82 -7.59 -11.14
CA CYS C 173 -11.82 -6.79 -10.42
C CYS C 173 -10.38 -7.39 -10.49
N GLN C 174 -9.39 -6.68 -9.95
CA GLN C 174 -7.99 -7.10 -10.02
C GLN C 174 -7.86 -8.59 -9.70
N GLY C 175 -7.23 -9.38 -10.59
CA GLY C 175 -7.12 -10.84 -10.37
C GLY C 175 -8.11 -11.68 -11.15
N ASP C 176 -9.18 -11.07 -11.62
CA ASP C 176 -10.18 -11.75 -12.44
C ASP C 176 -9.79 -11.80 -13.91
N SER C 177 -8.82 -10.99 -14.31
CA SER C 177 -8.34 -10.96 -15.68
C SER C 177 -8.08 -12.31 -16.30
N GLY C 178 -8.49 -12.44 -17.56
CA GLY C 178 -8.33 -13.68 -18.32
C GLY C 178 -9.48 -14.61 -18.05
N GLY C 179 -10.29 -14.27 -17.06
CA GLY C 179 -11.40 -15.10 -16.63
C GLY C 179 -12.50 -15.20 -17.66
N PRO C 180 -13.39 -16.19 -17.48
CA PRO C 180 -14.48 -16.44 -18.42
C PRO C 180 -15.67 -15.51 -18.24
N VAL C 181 -16.31 -15.23 -19.36
CA VAL C 181 -17.61 -14.58 -19.38
C VAL C 181 -18.44 -15.50 -20.25
N VAL C 182 -19.26 -16.33 -19.59
CA VAL C 182 -19.98 -17.38 -20.29
C VAL C 182 -21.45 -16.97 -20.36
N CYS C 183 -22.01 -16.98 -21.57
CA CYS C 183 -23.41 -16.59 -21.75
C CYS C 183 -24.13 -17.74 -22.42
N SER C 184 -25.09 -18.32 -21.71
CA SER C 184 -25.83 -19.50 -22.17
C SER C 184 -24.88 -20.61 -22.66
N GLY C 185 -23.91 -20.97 -21.85
CA GLY C 185 -22.99 -22.07 -22.18
C GLY C 185 -22.01 -21.82 -23.32
N LYS C 186 -21.83 -20.54 -23.71
CA LYS C 186 -20.86 -20.13 -24.74
C LYS C 186 -19.91 -19.07 -24.19
N LEU C 187 -18.62 -19.23 -24.47
CA LEU C 187 -17.61 -18.31 -23.97
C LEU C 187 -17.57 -17.06 -24.87
N GLN C 188 -18.27 -16.00 -24.47
CA GLN C 188 -18.30 -14.75 -25.25
C GLN C 188 -17.31 -13.71 -24.78
N GLY C 189 -16.80 -13.87 -23.56
CA GLY C 189 -15.95 -12.84 -22.97
C GLY C 189 -14.71 -13.31 -22.26
N ILE C 190 -13.67 -12.49 -22.34
CA ILE C 190 -12.48 -12.63 -21.51
C ILE C 190 -12.40 -11.36 -20.63
N VAL C 191 -12.35 -11.56 -19.31
CA VAL C 191 -12.15 -10.46 -18.41
C VAL C 191 -10.88 -9.74 -18.85
N SER C 192 -11.00 -8.45 -19.13
CA SER C 192 -9.92 -7.67 -19.71
C SER C 192 -9.52 -6.46 -18.85
N TRP C 193 -10.36 -5.42 -18.85
CA TRP C 193 -10.01 -4.17 -18.19
C TRP C 193 -11.22 -3.39 -17.70
N GLY C 194 -10.94 -2.29 -17.02
CA GLY C 194 -11.98 -1.48 -16.47
C GLY C 194 -11.34 -0.41 -15.64
N SER C 195 -12.16 0.55 -15.22
CA SER C 195 -11.71 1.67 -14.43
C SER C 195 -12.28 1.47 -13.03
N GLY C 196 -11.39 1.21 -12.08
CA GLY C 196 -11.79 0.86 -10.73
C GLY C 196 -12.50 -0.49 -10.70
N CYS C 197 -13.25 -0.69 -9.63
CA CYS C 197 -14.07 -1.88 -9.44
C CYS C 197 -15.46 -1.48 -8.97
N ALA C 198 -16.49 -1.94 -9.71
CA ALA C 198 -17.89 -1.77 -9.29
C ALA C 198 -18.35 -0.32 -9.20
N GLN C 199 -17.54 0.61 -9.69
CA GLN C 199 -17.89 2.02 -9.70
C GLN C 199 -19.05 2.36 -10.63
N LYS C 200 -19.89 3.31 -10.19
CA LYS C 200 -20.97 3.80 -11.03
C LYS C 200 -20.40 4.20 -12.41
N ASN C 201 -21.16 3.88 -13.46
CA ASN C 201 -20.86 4.31 -14.82
C ASN C 201 -19.52 3.80 -15.38
N LYS C 202 -18.96 2.79 -14.73
CA LYS C 202 -17.69 2.21 -15.14
C LYS C 202 -17.75 0.66 -15.11
N PRO C 203 -18.51 0.07 -16.05
CA PRO C 203 -18.60 -1.39 -16.07
C PRO C 203 -17.30 -2.02 -16.52
N GLY C 204 -17.13 -3.31 -16.26
CA GLY C 204 -16.02 -4.08 -16.81
C GLY C 204 -16.07 -4.13 -18.34
N VAL C 205 -14.89 -4.23 -18.92
CA VAL C 205 -14.76 -4.39 -20.36
C VAL C 205 -14.17 -5.77 -20.65
N TYR C 206 -14.69 -6.42 -21.70
CA TYR C 206 -14.36 -7.80 -21.98
C TYR C 206 -13.94 -7.99 -23.42
N THR C 207 -12.97 -8.88 -23.63
CA THR C 207 -12.51 -9.18 -24.98
C THR C 207 -13.62 -9.97 -25.65
N LYS C 208 -14.03 -9.51 -26.82
CA LYS C 208 -15.17 -10.09 -27.53
C LYS C 208 -14.72 -11.36 -28.27
N VAL C 209 -14.86 -12.50 -27.59
CA VAL C 209 -14.35 -13.79 -28.07
C VAL C 209 -14.89 -14.20 -29.44
N CYS C 210 -16.15 -13.91 -29.73
CA CYS C 210 -16.77 -14.28 -31.03
C CYS C 210 -16.03 -13.71 -32.25
N ASN C 211 -15.16 -12.73 -32.04
CA ASN C 211 -14.31 -12.17 -33.11
C ASN C 211 -13.10 -13.06 -33.42
N TYR C 212 -12.84 -14.04 -32.55
CA TYR C 212 -11.57 -14.76 -32.55
C TYR C 212 -11.67 -16.25 -32.85
N VAL C 213 -12.91 -16.74 -32.99
CA VAL C 213 -13.18 -18.17 -33.15
C VAL C 213 -12.35 -18.76 -34.30
N SER C 214 -12.35 -18.06 -35.42
CA SER C 214 -11.56 -18.44 -36.58
C SER C 214 -10.07 -18.47 -36.23
N TRP C 215 -9.56 -17.36 -35.67
CA TRP C 215 -8.14 -17.27 -35.26
C TRP C 215 -7.75 -18.35 -34.23
N ILE C 216 -8.62 -18.58 -33.24
CA ILE C 216 -8.40 -19.63 -32.24
C ILE C 216 -8.19 -21.01 -32.91
N LYS C 217 -9.07 -21.36 -33.84
CA LYS C 217 -8.97 -22.65 -34.52
C LYS C 217 -7.66 -22.75 -35.30
N GLN C 218 -7.26 -21.67 -35.96
CA GLN C 218 -6.06 -21.68 -36.80
C GLN C 218 -4.85 -21.92 -35.92
N THR C 219 -4.83 -21.22 -34.79
CA THR C 219 -3.75 -21.31 -33.83
C THR C 219 -3.68 -22.73 -33.24
N ILE C 220 -4.82 -23.29 -32.87
CA ILE C 220 -4.85 -24.67 -32.41
C ILE C 220 -4.28 -25.62 -33.48
N ALA C 221 -4.71 -25.43 -34.73
CA ALA C 221 -4.35 -26.33 -35.83
C ALA C 221 -2.86 -26.31 -36.16
N SER C 222 -2.19 -25.20 -35.84
CA SER C 222 -0.79 -24.99 -36.20
C SER C 222 0.20 -25.34 -35.11
N ASN C 223 -0.28 -25.63 -33.90
CA ASN C 223 0.62 -25.74 -32.72
C ASN C 223 0.51 -26.98 -31.82
#